data_3KR9
#
_entry.id   3KR9
#
_cell.length_a   35.807
_cell.length_b   58.668
_cell.length_c   142.995
_cell.angle_alpha   90.00
_cell.angle_beta   90.00
_cell.angle_gamma   90.00
#
_symmetry.space_group_name_H-M   'P 21 21 21'
#
loop_
_entity.id
_entity.type
_entity.pdbx_description
1 polymer 'SAM-dependent methyltransferase'
2 water water
#
_entity_poly.entity_id   1
_entity_poly.type   'polypeptide(L)'
_entity_poly.pdbx_seq_one_letter_code
;MISKRLELVASFVSQGAILLDVGSDHAYLPIELVERGQIKSAIAGEVVEGPYQSAVKNVEAHGLKEKIQVRLANGLAAFE
ETDQVSVITIAGMGGRLIARILEEGLGKLANVERLILQPNNREDDLRIWLQDHGFQIVAESILEEAGKFYEILVVEAGQM
KLSASDVRFGPFLSKEVSPVFVQKWQKEAEKLEFALGQIPEKNLEERQVLVDKIQAIKEVLHVSK
;
_entity_poly.pdbx_strand_id   A
#
# COMPACT_ATOMS: atom_id res chain seq x y z
N MET A 1 -17.39 4.63 8.62
CA MET A 1 -17.54 4.20 7.18
C MET A 1 -16.33 3.49 6.58
N ILE A 2 -15.19 3.53 7.29
CA ILE A 2 -14.07 2.78 6.80
C ILE A 2 -13.66 1.69 7.76
N SER A 3 -13.20 0.60 7.15
CA SER A 3 -12.52 -0.55 7.77
C SER A 3 -11.24 -0.20 8.57
N LYS A 4 -10.78 -1.18 9.36
CA LYS A 4 -9.53 -1.05 10.14
C LYS A 4 -8.33 -0.91 9.18
N ARG A 5 -8.33 -1.66 8.10
CA ARG A 5 -7.30 -1.48 7.05
C ARG A 5 -7.19 0.00 6.63
N LEU A 6 -8.26 0.60 6.10
CA LEU A 6 -8.22 2.00 5.66
C LEU A 6 -8.07 2.99 6.79
N GLU A 7 -8.62 2.68 7.95
CA GLU A 7 -8.39 3.51 9.13
C GLU A 7 -6.88 3.60 9.44
N LEU A 8 -6.19 2.47 9.35
CA LEU A 8 -4.74 2.47 9.53
C LEU A 8 -4.02 3.31 8.46
N VAL A 9 -4.44 3.19 7.20
CA VAL A 9 -3.95 4.03 6.09
C VAL A 9 -4.18 5.48 6.43
N ALA A 10 -5.41 5.75 6.86
CA ALA A 10 -5.85 7.09 7.25
C ALA A 10 -4.94 7.73 8.26
N SER A 11 -4.35 6.91 9.12
CA SER A 11 -3.67 7.52 10.28
C SER A 11 -2.33 8.12 9.85
N PHE A 12 -1.89 7.75 8.64
CA PHE A 12 -0.70 8.33 8.10
C PHE A 12 -0.98 9.54 7.26
N VAL A 13 -2.24 9.90 7.08
CA VAL A 13 -2.53 11.05 6.22
C VAL A 13 -2.39 12.34 6.97
N SER A 14 -1.35 13.10 6.58
CA SER A 14 -0.93 14.26 7.36
C SER A 14 -2.04 15.27 7.47
N GLN A 15 -2.14 15.81 8.67
CA GLN A 15 -3.15 16.80 9.05
C GLN A 15 -3.04 17.94 8.11
N GLY A 16 -4.15 18.44 7.59
CA GLY A 16 -4.09 19.54 6.61
C GLY A 16 -3.80 19.12 5.16
N ALA A 17 -3.58 17.84 4.89
CA ALA A 17 -3.26 17.40 3.49
C ALA A 17 -4.31 17.71 2.47
N ILE A 18 -3.86 17.88 1.25
CA ILE A 18 -4.73 17.71 0.10
C ILE A 18 -4.46 16.29 -0.43
N LEU A 19 -5.50 15.44 -0.48
CA LEU A 19 -5.31 13.99 -0.70
C LEU A 19 -5.72 13.55 -2.10
N LEU A 20 -4.90 12.72 -2.75
CA LEU A 20 -5.42 11.95 -3.90
C LEU A 20 -5.58 10.50 -3.44
N ASP A 21 -6.82 9.95 -3.52
CA ASP A 21 -7.04 8.54 -3.13
C ASP A 21 -7.29 7.80 -4.46
N VAL A 22 -6.35 6.96 -4.87
CA VAL A 22 -6.38 6.30 -6.21
C VAL A 22 -7.28 5.05 -6.22
N GLY A 23 -8.28 4.98 -7.09
CA GLY A 23 -9.17 3.83 -7.08
C GLY A 23 -9.99 3.82 -5.78
N SER A 24 -10.43 5.00 -5.36
CA SER A 24 -11.01 5.16 -4.03
C SER A 24 -12.25 4.25 -3.88
N ASP A 25 -12.41 3.59 -2.73
CA ASP A 25 -13.52 2.64 -2.53
C ASP A 25 -14.76 3.43 -2.08
N HIS A 26 -15.60 3.84 -3.04
CA HIS A 26 -16.88 4.56 -2.80
C HIS A 26 -16.66 5.97 -2.25
N ALA A 27 -15.41 6.43 -2.34
CA ALA A 27 -14.93 7.66 -1.73
C ALA A 27 -15.08 7.69 -0.17
N TYR A 28 -15.13 6.53 0.50
CA TYR A 28 -15.41 6.57 1.96
C TYR A 28 -14.21 7.16 2.73
N LEU A 29 -13.02 6.83 2.27
CA LEU A 29 -11.82 7.33 2.94
C LEU A 29 -11.70 8.88 2.89
N PRO A 30 -11.69 9.45 1.68
CA PRO A 30 -11.71 10.90 1.63
C PRO A 30 -12.92 11.57 2.34
N ILE A 31 -14.13 11.02 2.18
CA ILE A 31 -15.28 11.54 2.87
C ILE A 31 -15.07 11.58 4.39
N GLU A 32 -14.68 10.45 4.95
CA GLU A 32 -14.34 10.35 6.32
C GLU A 32 -13.29 11.39 6.79
N LEU A 33 -12.17 11.49 6.05
CA LEU A 33 -11.09 12.40 6.36
C LEU A 33 -11.52 13.86 6.34
N VAL A 34 -12.42 14.24 5.42
CA VAL A 34 -12.82 15.63 5.36
C VAL A 34 -13.80 15.86 6.51
N GLU A 35 -14.66 14.88 6.75
CA GLU A 35 -15.70 15.08 7.75
C GLU A 35 -15.04 15.28 9.13
N ARG A 36 -13.94 14.58 9.41
CA ARG A 36 -13.32 14.73 10.74
C ARG A 36 -12.30 15.86 10.87
N GLY A 37 -12.14 16.63 9.81
CA GLY A 37 -11.35 17.86 9.85
C GLY A 37 -9.90 17.52 9.67
N GLN A 38 -9.63 16.33 9.14
CA GLN A 38 -8.23 15.86 9.06
C GLN A 38 -7.49 16.37 7.80
N ILE A 39 -8.22 16.59 6.72
CA ILE A 39 -7.55 17.08 5.50
C ILE A 39 -8.37 18.24 4.99
N LYS A 40 -7.81 19.07 4.12
CA LYS A 40 -8.55 20.21 3.60
C LYS A 40 -9.49 19.82 2.45
N SER A 41 -9.11 18.80 1.70
CA SER A 41 -9.84 18.48 0.50
C SER A 41 -9.17 17.28 -0.15
N ALA A 42 -9.83 16.73 -1.17
CA ALA A 42 -9.37 15.51 -1.76
C ALA A 42 -9.85 15.37 -3.20
N ILE A 43 -9.16 14.48 -3.92
CA ILE A 43 -9.55 14.03 -5.21
C ILE A 43 -9.64 12.51 -5.04
N ALA A 44 -10.74 11.90 -5.49
CA ALA A 44 -10.92 10.46 -5.54
C ALA A 44 -10.84 10.05 -7.02
N GLY A 45 -9.82 9.30 -7.40
CA GLY A 45 -9.66 8.85 -8.78
C GLY A 45 -10.34 7.52 -8.95
N GLU A 46 -11.04 7.31 -10.06
CA GLU A 46 -11.67 6.05 -10.34
C GLU A 46 -11.47 5.72 -11.86
N VAL A 47 -11.08 4.51 -12.21
CA VAL A 47 -10.87 4.24 -13.64
C VAL A 47 -12.11 3.64 -14.31
N VAL A 48 -12.97 2.98 -13.54
CA VAL A 48 -14.20 2.38 -14.12
C VAL A 48 -15.48 3.15 -13.73
N GLU A 49 -16.46 3.06 -14.62
CA GLU A 49 -17.69 3.85 -14.58
C GLU A 49 -18.55 3.60 -13.33
N GLY A 50 -18.75 2.33 -12.99
CA GLY A 50 -19.46 1.97 -11.75
C GLY A 50 -18.89 2.63 -10.47
N PRO A 51 -17.66 2.25 -10.08
CA PRO A 51 -16.98 2.91 -8.92
C PRO A 51 -16.95 4.45 -9.08
N TYR A 52 -16.61 4.96 -10.26
CA TYR A 52 -16.78 6.41 -10.47
C TYR A 52 -18.17 6.96 -10.03
N GLN A 53 -19.25 6.39 -10.55
CA GLN A 53 -20.58 6.91 -10.21
C GLN A 53 -20.89 6.77 -8.70
N SER A 54 -20.48 5.64 -8.09
CA SER A 54 -20.72 5.48 -6.65
C SER A 54 -19.96 6.55 -5.85
N ALA A 55 -18.71 6.83 -6.25
CA ALA A 55 -17.92 7.85 -5.54
C ALA A 55 -18.59 9.20 -5.73
N VAL A 56 -19.05 9.50 -6.96
CA VAL A 56 -19.74 10.81 -7.17
C VAL A 56 -20.98 10.92 -6.22
N LYS A 57 -21.77 9.86 -6.16
CA LYS A 57 -23.04 9.96 -5.41
C LYS A 57 -22.82 10.06 -3.88
N ASN A 58 -21.88 9.25 -3.37
CA ASN A 58 -21.52 9.36 -1.97
C ASN A 58 -21.02 10.73 -1.61
N VAL A 59 -20.25 11.36 -2.48
CA VAL A 59 -19.70 12.68 -2.13
C VAL A 59 -20.86 13.68 -2.10
N GLU A 60 -21.71 13.61 -3.14
CA GLU A 60 -22.93 14.45 -3.21
C GLU A 60 -23.84 14.23 -1.99
N ALA A 61 -24.05 12.96 -1.61
CA ALA A 61 -24.89 12.61 -0.42
C ALA A 61 -24.38 13.24 0.85
N HIS A 62 -23.06 13.31 0.95
CA HIS A 62 -22.45 13.93 2.08
C HIS A 62 -22.32 15.45 1.98
N GLY A 63 -22.76 16.04 0.89
CA GLY A 63 -22.69 17.50 0.73
C GLY A 63 -21.25 18.03 0.60
N LEU A 64 -20.36 17.26 -0.01
CA LEU A 64 -18.92 17.63 -0.01
C LEU A 64 -18.36 17.88 -1.40
N LYS A 65 -19.25 18.21 -2.35
CA LYS A 65 -18.81 18.50 -3.71
C LYS A 65 -17.80 19.65 -3.74
N GLU A 66 -17.84 20.55 -2.77
CA GLU A 66 -16.86 21.66 -2.77
C GLU A 66 -15.48 21.22 -2.24
N LYS A 67 -15.40 20.04 -1.63
CA LYS A 67 -14.16 19.62 -0.97
C LYS A 67 -13.59 18.31 -1.53
N ILE A 68 -14.41 17.55 -2.24
CA ILE A 68 -13.93 16.32 -2.87
C ILE A 68 -14.35 16.24 -4.33
N GLN A 69 -13.35 16.27 -5.21
CA GLN A 69 -13.57 16.04 -6.65
C GLN A 69 -13.42 14.58 -6.93
N VAL A 70 -14.26 14.10 -7.85
CA VAL A 70 -14.22 12.71 -8.30
C VAL A 70 -13.89 12.75 -9.80
N ARG A 71 -12.85 12.02 -10.18
CA ARG A 71 -12.39 12.09 -11.56
C ARG A 71 -12.26 10.69 -12.13
N LEU A 72 -12.68 10.56 -13.41
CA LEU A 72 -12.65 9.33 -14.12
C LEU A 72 -11.32 9.31 -14.89
N ALA A 73 -10.37 8.47 -14.47
CA ALA A 73 -9.01 8.48 -15.05
C ALA A 73 -8.24 7.35 -14.43
N ASN A 74 -7.25 6.87 -15.16
CA ASN A 74 -6.49 5.74 -14.66
C ASN A 74 -5.29 6.18 -13.81
N GLY A 75 -5.24 5.68 -12.59
CA GLY A 75 -4.11 5.90 -11.69
C GLY A 75 -3.78 7.35 -11.53
N LEU A 76 -2.53 7.73 -11.79
CA LEU A 76 -2.09 9.12 -11.54
C LEU A 76 -2.57 10.11 -12.58
N ALA A 77 -3.19 9.64 -13.66
CA ALA A 77 -3.92 10.58 -14.56
C ALA A 77 -5.00 11.42 -13.83
N ALA A 78 -5.40 11.01 -12.62
CA ALA A 78 -6.40 11.72 -11.81
C ALA A 78 -5.95 13.05 -11.23
N PHE A 79 -4.67 13.38 -11.34
CA PHE A 79 -4.24 14.67 -10.86
C PHE A 79 -3.13 15.30 -11.70
N GLU A 80 -2.90 16.58 -11.38
CA GLU A 80 -1.97 17.46 -12.07
C GLU A 80 -1.27 18.35 -11.02
N GLU A 81 -0.13 18.95 -11.38
CA GLU A 81 0.66 19.77 -10.45
C GLU A 81 -0.19 20.82 -9.84
N THR A 82 -1.12 21.34 -10.66
CA THR A 82 -1.94 22.46 -10.23
C THR A 82 -2.87 22.05 -9.07
N ASP A 83 -3.15 20.75 -8.93
CA ASP A 83 -4.00 20.32 -7.81
C ASP A 83 -3.35 20.47 -6.42
N GLN A 84 -2.00 20.58 -6.34
CA GLN A 84 -1.31 20.72 -5.04
C GLN A 84 -1.52 19.56 -4.09
N VAL A 85 -1.67 18.36 -4.65
CA VAL A 85 -1.80 17.17 -3.82
C VAL A 85 -0.55 17.01 -2.98
N SER A 86 -0.69 16.77 -1.67
CA SER A 86 0.50 16.58 -0.82
C SER A 86 0.62 15.12 -0.37
N VAL A 87 -0.48 14.37 -0.44
CA VAL A 87 -0.50 12.95 0.03
C VAL A 87 -1.31 12.10 -0.98
N ILE A 88 -0.85 10.88 -1.29
CA ILE A 88 -1.53 9.98 -2.17
C ILE A 88 -1.60 8.65 -1.42
N THR A 89 -2.81 8.08 -1.40
CA THR A 89 -3.04 6.76 -0.87
C THR A 89 -3.36 5.89 -2.08
N ILE A 90 -2.87 4.65 -2.09
CA ILE A 90 -3.16 3.69 -3.12
C ILE A 90 -3.23 2.39 -2.32
N ALA A 91 -4.43 1.85 -2.18
CA ALA A 91 -4.69 0.76 -1.27
C ALA A 91 -5.57 -0.27 -2.00
N GLY A 92 -5.44 -1.54 -1.61
CA GLY A 92 -6.33 -2.58 -2.05
C GLY A 92 -6.01 -3.16 -3.43
N MET A 93 -4.74 -3.06 -3.84
CA MET A 93 -4.27 -3.56 -5.14
C MET A 93 -3.00 -4.38 -4.93
N GLY A 94 -2.73 -5.28 -5.85
CA GLY A 94 -1.45 -6.01 -5.87
C GLY A 94 -0.28 -5.07 -6.01
N GLY A 95 0.86 -5.41 -5.37
CA GLY A 95 2.01 -4.49 -5.33
C GLY A 95 2.59 -4.12 -6.68
N ARG A 96 2.54 -5.01 -7.65
CA ARG A 96 3.13 -4.65 -8.95
C ARG A 96 2.17 -3.71 -9.68
N LEU A 97 0.86 -3.81 -9.38
CA LEU A 97 -0.06 -2.84 -9.99
C LEU A 97 0.16 -1.45 -9.36
N ILE A 98 0.51 -1.44 -8.07
CA ILE A 98 0.79 -0.15 -7.44
C ILE A 98 2.03 0.47 -8.08
N ALA A 99 3.07 -0.33 -8.28
CA ALA A 99 4.27 0.12 -8.96
C ALA A 99 3.99 0.61 -10.36
N ARG A 100 3.12 -0.10 -11.12
CA ARG A 100 2.80 0.39 -12.48
C ARG A 100 2.12 1.75 -12.43
N ILE A 101 1.17 1.92 -11.53
CA ILE A 101 0.56 3.24 -11.43
C ILE A 101 1.57 4.34 -11.03
N LEU A 102 2.49 4.02 -10.15
CA LEU A 102 3.48 5.04 -9.71
C LEU A 102 4.39 5.33 -10.91
N GLU A 103 4.75 4.29 -11.63
CA GLU A 103 5.71 4.45 -12.74
C GLU A 103 5.16 5.34 -13.86
N GLU A 104 3.96 5.03 -14.31
CA GLU A 104 3.28 5.86 -15.31
C GLU A 104 3.04 7.31 -14.93
N GLY A 105 2.87 7.63 -13.65
CA GLY A 105 2.77 9.03 -13.33
C GLY A 105 3.98 9.60 -12.61
N LEU A 106 5.16 8.96 -12.82
CA LEU A 106 6.37 9.26 -12.03
C LEU A 106 6.77 10.73 -12.11
N GLY A 107 6.56 11.32 -13.28
CA GLY A 107 6.84 12.73 -13.46
C GLY A 107 6.07 13.74 -12.61
N LYS A 108 5.02 13.31 -11.90
CA LYS A 108 4.16 14.25 -11.08
C LYS A 108 4.37 14.14 -9.58
N LEU A 109 5.21 13.22 -9.19
CA LEU A 109 5.32 12.85 -7.80
C LEU A 109 6.32 13.73 -7.04
N ALA A 110 7.19 14.48 -7.74
CA ALA A 110 8.25 15.22 -7.01
C ALA A 110 7.65 16.17 -5.93
N ASN A 111 6.50 16.78 -6.18
CA ASN A 111 5.98 17.76 -5.24
C ASN A 111 4.94 17.14 -4.25
N VAL A 112 4.86 15.83 -4.21
CA VAL A 112 3.99 15.14 -3.24
C VAL A 112 4.83 14.81 -2.04
N GLU A 113 4.39 15.12 -0.80
CA GLU A 113 5.22 14.87 0.39
C GLU A 113 5.26 13.38 0.71
N ARG A 114 4.11 12.74 0.56
CA ARG A 114 3.97 11.42 1.11
C ARG A 114 3.01 10.51 0.28
N LEU A 115 3.40 9.24 0.15
CA LEU A 115 2.65 8.20 -0.47
C LEU A 115 2.38 7.18 0.59
N ILE A 116 1.12 6.73 0.66
CA ILE A 116 0.78 5.68 1.57
C ILE A 116 0.26 4.52 0.75
N LEU A 117 0.92 3.39 0.84
CA LEU A 117 0.69 2.31 -0.05
C LEU A 117 0.34 1.06 0.71
N GLN A 118 -0.78 0.46 0.33
CA GLN A 118 -1.16 -0.81 0.92
C GLN A 118 -1.33 -1.89 -0.18
N PRO A 119 -0.25 -2.59 -0.52
CA PRO A 119 -0.24 -3.62 -1.52
C PRO A 119 -0.88 -4.88 -0.95
N ASN A 120 -1.63 -5.60 -1.78
CA ASN A 120 -2.20 -6.85 -1.30
C ASN A 120 -1.23 -7.99 -1.37
N ASN A 121 -0.13 -7.78 -2.11
CA ASN A 121 0.87 -8.85 -2.38
C ASN A 121 2.11 -8.25 -3.05
N ARG A 122 3.12 -9.07 -3.29
CA ARG A 122 4.30 -8.61 -4.05
C ARG A 122 4.87 -7.36 -3.39
N GLU A 123 4.84 -7.33 -2.06
CA GLU A 123 5.31 -6.18 -1.32
C GLU A 123 6.81 -5.99 -1.56
N ASP A 124 7.52 -7.10 -1.62
CA ASP A 124 8.94 -7.12 -1.91
C ASP A 124 9.26 -6.42 -3.21
N ASP A 125 8.57 -6.79 -4.34
CA ASP A 125 8.79 -6.10 -5.64
C ASP A 125 8.41 -4.64 -5.59
N LEU A 126 7.40 -4.27 -4.83
CA LEU A 126 7.15 -2.84 -4.71
C LEU A 126 8.33 -2.12 -3.96
N ARG A 127 8.97 -2.80 -3.01
CA ARG A 127 10.00 -2.11 -2.19
C ARG A 127 11.22 -1.88 -3.11
N ILE A 128 11.47 -2.85 -4.01
CA ILE A 128 12.57 -2.75 -5.03
C ILE A 128 12.28 -1.59 -5.96
N TRP A 129 11.06 -1.54 -6.42
CA TRP A 129 10.66 -0.44 -7.30
C TRP A 129 10.88 0.90 -6.63
N LEU A 130 10.39 1.03 -5.37
CA LEU A 130 10.50 2.31 -4.65
C LEU A 130 11.94 2.75 -4.54
N GLN A 131 12.75 1.82 -4.06
CA GLN A 131 14.15 2.09 -3.88
C GLN A 131 14.81 2.56 -5.20
N ASP A 132 14.50 1.87 -6.30
CA ASP A 132 15.11 2.19 -7.61
C ASP A 132 14.57 3.50 -8.20
N HIS A 133 13.60 4.17 -7.57
CA HIS A 133 13.02 5.39 -8.19
C HIS A 133 13.07 6.52 -7.24
N GLY A 134 13.99 6.45 -6.30
CA GLY A 134 14.27 7.61 -5.49
C GLY A 134 13.29 7.82 -4.32
N PHE A 135 12.72 6.74 -3.79
CA PHE A 135 11.81 6.83 -2.62
C PHE A 135 12.36 6.07 -1.43
N GLN A 136 12.07 6.55 -0.22
CA GLN A 136 12.46 5.83 1.01
C GLN A 136 11.22 5.51 1.84
N ILE A 137 11.24 4.36 2.51
CA ILE A 137 10.18 3.99 3.40
C ILE A 137 10.50 4.71 4.68
N VAL A 138 9.49 5.34 5.26
CA VAL A 138 9.67 6.04 6.56
C VAL A 138 8.78 5.46 7.66
N ALA A 139 7.92 4.50 7.31
CA ALA A 139 7.10 3.81 8.31
C ALA A 139 6.41 2.62 7.66
N GLU A 140 6.13 1.58 8.45
CA GLU A 140 5.36 0.46 7.96
C GLU A 140 4.43 -0.03 9.04
N SER A 141 3.27 -0.52 8.65
CA SER A 141 2.38 -1.15 9.59
C SER A 141 1.79 -2.39 9.01
N ILE A 142 1.36 -3.32 9.85
CA ILE A 142 0.77 -4.55 9.31
C ILE A 142 -0.45 -4.92 10.16
N LEU A 143 -1.54 -5.30 9.54
CA LEU A 143 -2.73 -5.67 10.29
C LEU A 143 -3.30 -6.95 9.78
N GLU A 144 -4.24 -7.51 10.54
CA GLU A 144 -5.00 -8.68 10.09
C GLU A 144 -6.46 -8.29 10.04
N GLU A 145 -7.18 -8.83 9.08
CA GLU A 145 -8.57 -8.44 8.85
C GLU A 145 -9.26 -9.63 8.24
N ALA A 146 -10.28 -10.13 8.92
CA ALA A 146 -10.98 -11.32 8.46
C ALA A 146 -10.01 -12.44 8.12
N GLY A 147 -8.97 -12.63 8.89
CA GLY A 147 -8.07 -13.75 8.61
C GLY A 147 -7.08 -13.54 7.47
N LYS A 148 -7.05 -12.36 6.85
CA LYS A 148 -5.92 -12.08 5.97
C LYS A 148 -5.03 -10.95 6.49
N PHE A 149 -3.82 -10.87 5.94
CA PHE A 149 -2.79 -9.94 6.42
C PHE A 149 -2.48 -8.87 5.39
N TYR A 150 -2.41 -7.63 5.82
CA TYR A 150 -2.19 -6.50 4.91
C TYR A 150 -1.05 -5.61 5.41
N GLU A 151 -0.07 -5.35 4.55
CA GLU A 151 1.02 -4.41 4.90
C GLU A 151 0.67 -3.02 4.35
N ILE A 152 1.08 -1.98 5.08
CA ILE A 152 0.97 -0.57 4.67
C ILE A 152 2.40 0.05 4.65
N LEU A 153 2.82 0.65 3.53
CA LEU A 153 4.12 1.26 3.41
C LEU A 153 3.95 2.75 3.28
N VAL A 154 4.70 3.51 4.10
CA VAL A 154 4.64 4.98 4.02
C VAL A 154 5.97 5.44 3.42
N VAL A 155 5.94 6.36 2.47
CA VAL A 155 7.08 6.57 1.62
C VAL A 155 7.19 8.03 1.39
N GLU A 156 8.43 8.52 1.38
CA GLU A 156 8.65 9.91 1.02
C GLU A 156 9.88 9.93 0.13
N ALA A 157 10.16 11.05 -0.52
CA ALA A 157 11.27 11.16 -1.47
C ALA A 157 12.57 10.99 -0.73
N GLY A 158 13.50 10.20 -1.27
CA GLY A 158 14.85 10.13 -0.67
C GLY A 158 15.46 8.78 -0.92
N GLN A 159 16.70 8.59 -0.49
CA GLN A 159 17.40 7.37 -0.81
C GLN A 159 17.17 6.35 0.27
N MET A 160 17.12 5.08 -0.13
CA MET A 160 17.25 4.03 0.83
C MET A 160 18.07 2.93 0.17
N LYS A 161 18.63 2.07 1.02
CA LYS A 161 19.40 0.94 0.57
C LYS A 161 19.04 -0.29 1.34
N LEU A 162 18.08 -1.09 0.84
CA LEU A 162 17.56 -2.22 1.66
C LEU A 162 18.38 -3.51 1.55
N SER A 163 18.56 -4.20 2.66
CA SER A 163 19.08 -5.57 2.60
C SER A 163 17.99 -6.45 1.95
N ALA A 164 18.39 -7.63 1.49
CA ALA A 164 17.44 -8.64 1.01
C ALA A 164 16.38 -8.92 2.08
N SER A 165 16.82 -8.94 3.32
CA SER A 165 15.90 -9.16 4.43
C SER A 165 14.88 -8.03 4.60
N ASP A 166 15.34 -6.79 4.60
CA ASP A 166 14.42 -5.66 4.60
C ASP A 166 13.49 -5.64 3.35
N VAL A 167 13.99 -6.09 2.20
CA VAL A 167 13.17 -6.11 1.00
C VAL A 167 11.97 -7.03 1.21
N ARG A 168 12.21 -8.17 1.85
CA ARG A 168 11.23 -9.20 1.88
C ARG A 168 10.30 -8.96 3.07
N PHE A 169 10.86 -8.49 4.17
CA PHE A 169 10.11 -8.41 5.42
C PHE A 169 9.68 -7.02 5.84
N GLY A 170 10.34 -6.01 5.26
CA GLY A 170 10.09 -4.59 5.60
C GLY A 170 11.12 -4.07 6.60
N PRO A 171 11.77 -2.94 6.32
CA PRO A 171 12.79 -2.42 7.25
C PRO A 171 12.20 -2.03 8.58
N PHE A 172 10.97 -1.51 8.62
CA PHE A 172 10.30 -1.29 9.92
C PHE A 172 9.61 -2.55 10.47
N LEU A 173 8.82 -3.26 9.66
CA LEU A 173 8.10 -4.46 10.17
C LEU A 173 9.05 -5.52 10.76
N SER A 174 10.17 -5.72 10.12
CA SER A 174 11.10 -6.79 10.55
C SER A 174 11.83 -6.37 11.86
N LYS A 175 11.80 -5.06 12.14
CA LYS A 175 12.39 -4.56 13.39
C LYS A 175 11.40 -4.65 14.57
N GLU A 176 10.14 -4.31 14.34
CA GLU A 176 9.07 -4.42 15.34
C GLU A 176 8.71 -5.87 15.68
N VAL A 177 8.67 -6.74 14.65
CA VAL A 177 8.19 -8.13 14.77
C VAL A 177 6.91 -8.18 15.62
N SER A 178 5.89 -7.43 15.24
CA SER A 178 4.61 -7.46 15.97
C SER A 178 3.91 -8.82 16.01
N PRO A 179 2.91 -8.96 16.89
CA PRO A 179 2.27 -10.27 16.91
C PRO A 179 1.65 -10.61 15.55
N VAL A 180 1.18 -9.58 14.81
CA VAL A 180 0.55 -9.84 13.50
C VAL A 180 1.59 -10.24 12.47
N PHE A 181 2.74 -9.58 12.50
CA PHE A 181 3.87 -9.98 11.67
C PHE A 181 4.20 -11.48 11.92
N VAL A 182 4.23 -11.90 13.19
CA VAL A 182 4.56 -13.32 13.46
C VAL A 182 3.54 -14.29 12.85
N GLN A 183 2.25 -14.01 13.02
CA GLN A 183 1.21 -14.85 12.46
C GLN A 183 1.33 -14.92 10.95
N LYS A 184 1.54 -13.77 10.30
CA LYS A 184 1.68 -13.81 8.86
C LYS A 184 2.81 -14.71 8.42
N TRP A 185 3.99 -14.55 8.99
CA TRP A 185 5.17 -15.27 8.45
C TRP A 185 5.28 -16.76 8.89
N GLN A 186 4.84 -17.01 10.11
CA GLN A 186 4.66 -18.36 10.62
C GLN A 186 3.72 -19.12 9.71
N LYS A 187 2.62 -18.50 9.31
CA LYS A 187 1.68 -19.20 8.44
C LYS A 187 2.33 -19.41 7.08
N GLU A 188 3.09 -18.42 6.63
CA GLU A 188 3.79 -18.59 5.37
C GLU A 188 4.88 -19.68 5.45
N ALA A 189 5.59 -19.75 6.58
CA ALA A 189 6.56 -20.84 6.77
C ALA A 189 5.89 -22.22 6.65
N GLU A 190 4.77 -22.44 7.34
CA GLU A 190 4.11 -23.74 7.21
C GLU A 190 3.61 -24.03 5.82
N LYS A 191 3.09 -23.02 5.11
CA LYS A 191 2.76 -23.25 3.70
C LYS A 191 4.00 -23.77 2.95
N LEU A 192 5.12 -23.07 3.08
CA LEU A 192 6.35 -23.47 2.42
C LEU A 192 6.80 -24.86 2.86
N GLU A 193 6.65 -25.13 4.14
CA GLU A 193 7.09 -26.42 4.65
C GLU A 193 6.22 -27.55 4.12
N PHE A 194 4.96 -27.25 3.84
CA PHE A 194 4.08 -28.24 3.29
C PHE A 194 4.39 -28.48 1.81
N ALA A 195 4.62 -27.41 1.06
CA ALA A 195 4.91 -27.54 -0.37
C ALA A 195 6.22 -28.27 -0.59
N LEU A 196 7.21 -27.97 0.23
CA LEU A 196 8.49 -28.65 0.14
C LEU A 196 8.31 -30.09 0.62
N GLY A 197 7.19 -30.35 1.28
CA GLY A 197 6.87 -31.70 1.71
C GLY A 197 6.42 -32.51 0.52
N GLN A 198 5.59 -31.90 -0.32
CA GLN A 198 5.14 -32.50 -1.56
C GLN A 198 6.34 -32.86 -2.43
N ILE A 199 6.80 -31.90 -3.23
CA ILE A 199 7.89 -32.13 -4.16
C ILE A 199 9.07 -32.90 -3.57
N PRO A 200 9.33 -34.08 -4.11
CA PRO A 200 10.48 -34.89 -3.70
C PRO A 200 11.08 -35.59 -4.92
N GLU A 201 12.38 -35.92 -4.86
CA GLU A 201 13.21 -35.63 -3.70
C GLU A 201 14.50 -35.17 -4.33
N LYS A 202 14.73 -35.70 -5.54
CA LYS A 202 15.74 -35.23 -6.46
C LYS A 202 15.36 -33.82 -6.89
N ASN A 203 16.08 -33.29 -7.87
CA ASN A 203 15.98 -31.88 -8.23
C ASN A 203 16.16 -31.01 -7.00
N LEU A 204 17.41 -30.81 -6.65
CA LEU A 204 17.76 -30.08 -5.44
C LEU A 204 17.53 -28.58 -5.64
N GLU A 205 18.06 -28.02 -6.71
CA GLU A 205 17.86 -26.63 -7.10
C GLU A 205 16.45 -26.11 -6.82
N GLU A 206 15.45 -26.96 -7.06
CA GLU A 206 14.05 -26.57 -6.93
C GLU A 206 13.63 -26.50 -5.47
N ARG A 207 13.94 -27.54 -4.71
CA ARG A 207 13.68 -27.56 -3.27
C ARG A 207 14.50 -26.47 -2.57
N GLN A 208 15.65 -26.14 -3.15
CA GLN A 208 16.53 -25.17 -2.51
C GLN A 208 15.84 -23.82 -2.36
N VAL A 209 15.22 -23.32 -3.42
CA VAL A 209 14.51 -22.03 -3.33
C VAL A 209 13.52 -21.99 -2.16
N LEU A 210 12.78 -23.08 -1.95
CA LEU A 210 11.85 -23.12 -0.82
C LEU A 210 12.59 -23.15 0.51
N VAL A 211 13.74 -23.85 0.53
CA VAL A 211 14.53 -23.98 1.76
C VAL A 211 15.07 -22.63 2.21
N ASP A 212 15.61 -21.86 1.27
CA ASP A 212 16.15 -20.55 1.59
C ASP A 212 15.04 -19.63 2.12
N LYS A 213 13.84 -19.79 1.58
CA LYS A 213 12.71 -18.93 2.00
C LYS A 213 12.36 -19.20 3.46
N ILE A 214 12.38 -20.48 3.82
CA ILE A 214 12.05 -20.94 5.16
C ILE A 214 13.07 -20.45 6.16
N GLN A 215 14.36 -20.54 5.84
CA GLN A 215 15.39 -20.02 6.75
C GLN A 215 15.25 -18.53 6.93
N ALA A 216 14.99 -17.83 5.84
CA ALA A 216 14.87 -16.36 5.89
C ALA A 216 13.83 -16.04 6.92
N ILE A 217 12.70 -16.75 6.86
CA ILE A 217 11.63 -16.52 7.82
C ILE A 217 12.07 -16.83 9.25
N LYS A 218 12.67 -18.02 9.45
CA LYS A 218 13.20 -18.43 10.76
C LYS A 218 14.14 -17.39 11.34
N GLU A 219 15.07 -16.92 10.53
CA GLU A 219 15.98 -15.87 10.95
C GLU A 219 15.23 -14.60 11.40
N VAL A 220 14.31 -14.09 10.56
CA VAL A 220 13.63 -12.82 10.89
C VAL A 220 12.70 -12.95 12.11
N LEU A 221 12.22 -14.17 12.39
CA LEU A 221 11.40 -14.42 13.61
C LEU A 221 12.21 -14.76 14.89
N HIS A 222 13.50 -15.05 14.77
CA HIS A 222 14.19 -15.55 15.95
C HIS A 222 14.03 -14.62 17.14
#